data_3N1U
#
_entry.id   3N1U
#
_cell.length_a   80.907
_cell.length_b   80.907
_cell.length_c   65.295
_cell.angle_alpha   90.000
_cell.angle_beta   90.000
_cell.angle_gamma   90.000
#
_symmetry.space_group_name_H-M   'I 4'
#
loop_
_entity.id
_entity.type
_entity.pdbx_description
1 polymer 'Hydrolase, HAD superfamily, subfamily III A'
2 non-polymer 'CALCIUM ION'
3 water water
#
_entity_poly.entity_id   1
_entity_poly.type   'polypeptide(L)'
_entity_poly.pdbx_seq_one_letter_code
;(MSE)SLNTEIE(MSE)NELLEKAKKIKCLICDVDGVLSDGLLHIDNHGNELKSFHVQDG(MSE)GLKLL(MSE)AAGIQ
VAIITTAQNAVVDHR(MSE)EQLGITHYYKGQVDKRSAYQHLKKTLGLNDDEFAYIGDDLPDLPLIQQVGLGVAVSNAVP
QVLEFADWRTERTGGRGAVRELCDLILNAQNKAELAITGYLKQEGHHHHHH
;
_entity_poly.pdbx_strand_id   A
#
loop_
_chem_comp.id
_chem_comp.type
_chem_comp.name
_chem_comp.formula
CA non-polymer 'CALCIUM ION' 'Ca 2'
#
# COMPACT_ATOMS: atom_id res chain seq x y z
N SER A 2 4.12 -17.28 -22.16
CA SER A 2 4.36 -18.75 -22.10
C SER A 2 3.38 -19.38 -21.10
N LEU A 3 3.40 -20.71 -21.00
CA LEU A 3 2.67 -21.43 -19.96
C LEU A 3 3.00 -20.89 -18.54
N ASN A 4 4.29 -20.69 -18.24
CA ASN A 4 4.70 -20.24 -16.90
C ASN A 4 4.22 -18.84 -16.50
N THR A 5 4.24 -17.89 -17.43
CA THR A 5 3.79 -16.50 -17.17
C THR A 5 2.24 -16.41 -16.93
N GLU A 6 1.50 -17.28 -17.63
CA GLU A 6 0.05 -17.46 -17.44
C GLU A 6 -0.27 -17.99 -16.03
N ILE A 7 0.40 -19.08 -15.65
CA ILE A 7 0.28 -19.63 -14.28
C ILE A 7 0.56 -18.57 -13.20
N GLU A 8 1.71 -17.91 -13.31
CA GLU A 8 2.13 -16.91 -12.34
C GLU A 8 1.16 -15.74 -12.32
N MSE A 9 0.73 -15.28 -13.51
CA MSE A 9 -0.27 -14.22 -13.59
C MSE A 9 -1.58 -14.67 -12.89
O MSE A 9 -2.18 -13.89 -12.13
CB MSE A 9 -0.50 -13.75 -15.04
CG MSE A 9 -1.53 -12.63 -15.22
SE MSE A 9 -1.20 -11.06 -14.06
CE MSE A 9 0.78 -10.97 -14.30
N ASN A 10 -1.99 -15.90 -13.09
CA ASN A 10 -3.19 -16.39 -12.40
C ASN A 10 -3.03 -16.50 -10.90
N GLU A 11 -1.87 -16.96 -10.46
CA GLU A 11 -1.61 -17.08 -9.01
C GLU A 11 -1.62 -15.70 -8.36
N LEU A 12 -1.10 -14.70 -9.06
CA LEU A 12 -1.11 -13.33 -8.54
C LEU A 12 -2.55 -12.79 -8.48
N LEU A 13 -3.31 -12.99 -9.54
CA LEU A 13 -4.72 -12.61 -9.58
C LEU A 13 -5.54 -13.28 -8.46
N GLU A 14 -5.31 -14.57 -8.22
CA GLU A 14 -5.98 -15.26 -7.10
C GLU A 14 -5.65 -14.65 -5.71
N LYS A 15 -4.40 -14.25 -5.49
CA LYS A 15 -4.07 -13.48 -4.27
C LYS A 15 -4.83 -12.16 -4.16
N ALA A 16 -4.87 -11.41 -5.27
CA ALA A 16 -5.48 -10.11 -5.30
C ALA A 16 -7.00 -10.17 -5.17
N LYS A 17 -7.60 -11.27 -5.66
CA LYS A 17 -9.07 -11.44 -5.54
C LYS A 17 -9.56 -11.47 -4.10
N LYS A 18 -8.69 -11.83 -3.15
CA LYS A 18 -9.10 -11.99 -1.74
C LYS A 18 -8.98 -10.73 -0.91
N ILE A 19 -8.37 -9.71 -1.50
CA ILE A 19 -7.91 -8.58 -0.71
C ILE A 19 -9.06 -7.70 -0.21
N LYS A 20 -9.12 -7.50 1.11
CA LYS A 20 -10.15 -6.68 1.70
C LYS A 20 -9.53 -5.45 2.38
N CYS A 21 -8.20 -5.41 2.49
CA CYS A 21 -7.53 -4.21 3.02
C CYS A 21 -6.16 -4.12 2.40
N LEU A 22 -5.82 -2.94 1.84
CA LEU A 22 -4.41 -2.67 1.47
C LEU A 22 -3.70 -1.83 2.57
N ILE A 23 -2.53 -2.26 3.00
CA ILE A 23 -1.72 -1.54 3.95
C ILE A 23 -0.48 -1.00 3.22
N CYS A 24 -0.21 0.29 3.41
CA CYS A 24 0.95 0.91 2.81
C CYS A 24 1.88 1.40 3.86
N ASP A 25 3.17 1.29 3.56
CA ASP A 25 4.19 2.06 4.26
C ASP A 25 4.19 3.48 3.67
N VAL A 26 4.78 4.45 4.39
CA VAL A 26 4.87 5.82 3.86
C VAL A 26 6.16 6.11 3.11
N ASP A 27 7.27 6.30 3.83
CA ASP A 27 8.46 6.84 3.17
C ASP A 27 9.08 5.81 2.26
N GLY A 28 9.23 6.14 0.97
CA GLY A 28 9.81 5.16 0.00
C GLY A 28 8.74 4.39 -0.78
N VAL A 29 7.49 4.50 -0.31
CA VAL A 29 6.36 3.77 -0.91
C VAL A 29 5.26 4.73 -1.37
N LEU A 30 4.70 5.49 -0.43
CA LEU A 30 3.83 6.59 -0.82
C LEU A 30 4.64 7.85 -1.18
N SER A 31 5.94 7.87 -0.76
CA SER A 31 6.87 8.89 -1.24
C SER A 31 7.98 8.30 -2.04
N ASP A 32 8.78 9.19 -2.68
CA ASP A 32 10.03 8.85 -3.35
C ASP A 32 11.08 8.39 -2.41
N GLY A 33 10.83 8.51 -1.12
CA GLY A 33 11.92 8.19 -0.17
C GLY A 33 12.64 9.40 0.37
N LEU A 34 12.39 10.60 -0.20
CA LEU A 34 13.18 11.77 0.20
C LEU A 34 12.55 12.41 1.40
N LEU A 35 13.41 12.95 2.24
CA LEU A 35 13.05 13.78 3.38
C LEU A 35 13.60 15.14 3.12
N HIS A 36 12.72 16.11 2.88
CA HIS A 36 13.22 17.45 2.56
C HIS A 36 13.28 18.23 3.87
N ILE A 37 14.44 18.82 4.17
CA ILE A 37 14.66 19.43 5.48
C ILE A 37 15.15 20.83 5.25
N ASP A 38 14.59 21.78 5.98
CA ASP A 38 15.09 23.13 5.84
C ASP A 38 16.07 23.59 6.96
N ASN A 39 16.57 24.81 6.86
CA ASN A 39 17.51 25.37 7.84
C ASN A 39 16.91 25.50 9.25
N HIS A 40 15.59 25.52 9.34
CA HIS A 40 14.95 25.65 10.64
C HIS A 40 14.46 24.29 11.17
N GLY A 41 14.78 23.21 10.46
CA GLY A 41 14.24 21.88 10.83
C GLY A 41 12.81 21.54 10.44
N ASN A 42 12.13 22.41 9.67
CA ASN A 42 10.87 22.00 9.06
C ASN A 42 11.15 20.86 8.09
N GLU A 43 10.16 20.01 7.85
CA GLU A 43 10.34 18.78 7.00
C GLU A 43 9.19 18.71 6.02
N LEU A 44 9.46 18.09 4.87
CA LEU A 44 8.36 17.89 3.93
C LEU A 44 8.55 16.51 3.35
N LYS A 45 7.48 15.95 2.83
CA LYS A 45 7.57 14.76 1.98
C LYS A 45 6.73 15.05 0.74
N SER A 46 6.92 14.22 -0.29
CA SER A 46 6.25 14.44 -1.58
C SER A 46 5.45 13.20 -1.91
N PHE A 47 4.11 13.36 -2.09
CA PHE A 47 3.22 12.22 -2.39
C PHE A 47 2.73 12.36 -3.84
N HIS A 48 2.20 11.31 -4.45
CA HIS A 48 1.85 11.39 -5.85
C HIS A 48 0.33 11.33 -5.99
N VAL A 49 -0.22 12.22 -6.78
CA VAL A 49 -1.68 12.25 -6.97
C VAL A 49 -2.29 10.98 -7.53
N GLN A 50 -1.56 10.26 -8.39
CA GLN A 50 -2.17 9.01 -8.90
C GLN A 50 -2.30 7.95 -7.81
N ASP A 51 -1.40 7.97 -6.84
CA ASP A 51 -1.47 7.03 -5.71
C ASP A 51 -2.60 7.43 -4.81
N GLY A 52 -2.76 8.73 -4.57
CA GLY A 52 -3.90 9.20 -3.76
C GLY A 52 -5.25 8.80 -4.40
N MSE A 53 -5.35 8.91 -5.71
CA MSE A 53 -6.55 8.45 -6.44
C MSE A 53 -6.73 6.93 -6.31
O MSE A 53 -7.86 6.46 -6.12
CB MSE A 53 -6.47 8.87 -7.93
CG MSE A 53 -7.51 8.27 -8.82
SE MSE A 53 -9.24 9.10 -8.38
CE MSE A 53 -8.83 10.74 -9.27
N GLY A 54 -5.64 6.17 -6.46
CA GLY A 54 -5.64 4.70 -6.21
C GLY A 54 -6.28 4.32 -4.87
N LEU A 55 -5.83 4.98 -3.82
CA LEU A 55 -6.38 4.69 -2.49
C LEU A 55 -7.84 5.09 -2.39
N LYS A 56 -8.21 6.23 -2.98
CA LYS A 56 -9.62 6.62 -2.97
C LYS A 56 -10.51 5.68 -3.77
N LEU A 57 -9.96 5.14 -4.85
CA LEU A 57 -10.73 4.15 -5.62
C LEU A 57 -10.92 2.87 -4.83
N LEU A 58 -9.88 2.41 -4.15
CA LEU A 58 -10.11 1.21 -3.32
C LEU A 58 -11.23 1.46 -2.32
N MSE A 59 -11.15 2.59 -1.64
CA MSE A 59 -12.17 2.86 -0.62
C MSE A 59 -13.58 3.04 -1.18
O MSE A 59 -14.56 2.63 -0.53
CB MSE A 59 -11.71 4.09 0.22
CG MSE A 59 -10.43 3.75 1.07
SE MSE A 59 -10.03 5.24 2.30
CE MSE A 59 -9.04 6.24 1.02
N ALA A 60 -13.69 3.66 -2.38
CA ALA A 60 -14.99 3.78 -3.06
C ALA A 60 -15.56 2.42 -3.41
N ALA A 61 -14.68 1.42 -3.62
CA ALA A 61 -15.09 0.03 -3.95
C ALA A 61 -15.28 -0.87 -2.71
N GLY A 62 -15.18 -0.29 -1.52
CA GLY A 62 -15.41 -1.02 -0.26
C GLY A 62 -14.18 -1.75 0.24
N ILE A 63 -13.01 -1.42 -0.33
CA ILE A 63 -11.76 -1.97 0.15
C ILE A 63 -11.10 -0.99 1.10
N GLN A 64 -10.79 -1.49 2.29
CA GLN A 64 -10.20 -0.59 3.28
CA GLN A 64 -10.11 -0.79 3.39
C GLN A 64 -8.71 -0.31 3.01
N VAL A 65 -8.28 0.83 3.53
CA VAL A 65 -6.89 1.25 3.39
C VAL A 65 -6.31 1.57 4.75
N ALA A 66 -5.07 1.15 4.99
CA ALA A 66 -4.36 1.50 6.20
C ALA A 66 -2.89 1.81 5.94
N ILE A 67 -2.29 2.58 6.84
CA ILE A 67 -0.87 2.87 6.77
C ILE A 67 -0.15 2.38 8.05
N ILE A 68 1.06 1.84 7.88
CA ILE A 68 1.92 1.52 9.05
C ILE A 68 3.29 2.08 8.71
N THR A 69 3.73 3.04 9.51
CA THR A 69 4.96 3.76 9.17
C THR A 69 5.86 3.94 10.39
N THR A 70 7.18 4.01 10.12
CA THR A 70 8.16 4.45 11.14
C THR A 70 8.17 5.98 11.31
N ALA A 71 7.79 6.71 10.24
CA ALA A 71 7.70 8.18 10.30
C ALA A 71 6.78 8.60 11.47
N GLN A 72 7.14 9.69 12.15
CA GLN A 72 6.38 10.22 13.30
C GLN A 72 5.90 11.65 13.04
N ASN A 73 6.37 12.27 11.98
CA ASN A 73 6.13 13.72 11.87
C ASN A 73 4.69 14.05 11.38
N ALA A 74 4.29 15.30 11.56
CA ALA A 74 2.94 15.75 11.23
C ALA A 74 2.62 15.78 9.71
N VAL A 75 3.65 15.80 8.83
CA VAL A 75 3.37 15.56 7.40
C VAL A 75 2.43 14.36 7.16
N VAL A 76 2.70 13.24 7.85
CA VAL A 76 1.95 12.01 7.68
C VAL A 76 0.47 12.26 8.05
N ASP A 77 0.23 12.91 9.20
CA ASP A 77 -1.14 13.18 9.66
C ASP A 77 -1.91 14.04 8.65
N HIS A 78 -1.23 15.05 8.13
CA HIS A 78 -1.86 15.93 7.12
C HIS A 78 -2.25 15.18 5.88
N ARG A 79 -1.35 14.32 5.42
CA ARG A 79 -1.68 13.50 4.25
C ARG A 79 -2.80 12.49 4.50
N MSE A 80 -2.79 11.83 5.66
CA MSE A 80 -3.84 10.87 5.93
C MSE A 80 -5.20 11.56 6.00
O MSE A 80 -6.19 10.99 5.54
CB MSE A 80 -3.59 10.16 7.27
CG MSE A 80 -2.32 9.40 7.34
SE MSE A 80 -2.27 7.85 6.12
CE MSE A 80 -1.37 8.78 4.59
N GLU A 81 -5.24 12.74 6.63
CA GLU A 81 -6.48 13.53 6.71
C GLU A 81 -6.98 13.93 5.30
N GLN A 82 -6.05 14.32 4.41
CA GLN A 82 -6.38 14.67 3.02
C GLN A 82 -7.05 13.52 2.33
N LEU A 83 -6.51 12.32 2.53
CA LEU A 83 -7.04 11.13 1.86
C LEU A 83 -8.22 10.45 2.57
N GLY A 84 -8.57 10.93 3.75
CA GLY A 84 -9.65 10.30 4.57
C GLY A 84 -9.30 8.92 5.09
N ILE A 85 -8.01 8.68 5.30
CA ILE A 85 -7.55 7.39 5.81
C ILE A 85 -7.53 7.44 7.32
N THR A 86 -8.35 6.62 7.98
CA THR A 86 -8.40 6.64 9.45
C THR A 86 -7.57 5.55 10.14
N HIS A 87 -7.33 4.43 9.47
CA HIS A 87 -6.55 3.35 10.08
C HIS A 87 -5.09 3.59 9.82
N TYR A 88 -4.39 4.25 10.75
CA TYR A 88 -2.93 4.38 10.54
C TYR A 88 -2.08 4.48 11.78
N TYR A 89 -0.82 4.06 11.62
CA TYR A 89 0.06 3.78 12.76
C TYR A 89 1.39 4.40 12.45
N LYS A 90 1.82 5.29 13.36
CA LYS A 90 3.04 6.08 13.17
C LYS A 90 4.12 5.69 14.19
N GLY A 91 5.38 5.98 13.86
CA GLY A 91 6.49 5.68 14.79
C GLY A 91 6.73 4.22 15.05
N GLN A 92 6.32 3.32 14.13
CA GLN A 92 6.42 1.86 14.40
C GLN A 92 7.73 1.43 13.82
N VAL A 93 8.69 1.07 14.68
CA VAL A 93 10.03 0.72 14.21
C VAL A 93 10.00 -0.76 13.82
N ASP A 94 9.54 -1.59 14.75
CA ASP A 94 9.09 -2.95 14.42
C ASP A 94 7.57 -2.83 14.18
N LYS A 95 7.10 -3.33 13.02
CA LYS A 95 5.72 -3.12 12.51
C LYS A 95 4.74 -4.26 12.82
N ARG A 96 5.26 -5.36 13.37
CA ARG A 96 4.45 -6.58 13.57
C ARG A 96 3.30 -6.31 14.51
N SER A 97 3.57 -5.54 15.57
CA SER A 97 2.54 -5.27 16.59
C SER A 97 1.39 -4.39 16.04
N ALA A 98 1.73 -3.41 15.21
CA ALA A 98 0.67 -2.62 14.59
C ALA A 98 -0.18 -3.48 13.63
N TYR A 99 0.45 -4.35 12.86
CA TYR A 99 -0.30 -5.24 11.98
C TYR A 99 -1.28 -6.10 12.77
N GLN A 100 -0.83 -6.61 13.91
CA GLN A 100 -1.72 -7.50 14.68
C GLN A 100 -2.91 -6.72 15.24
N HIS A 101 -2.67 -5.47 15.62
CA HIS A 101 -3.72 -4.60 16.11
C HIS A 101 -4.73 -4.28 15.01
N LEU A 102 -4.22 -3.99 13.81
CA LEU A 102 -5.08 -3.72 12.65
C LEU A 102 -5.92 -4.97 12.32
N LYS A 103 -5.27 -6.13 12.40
CA LYS A 103 -5.96 -7.37 12.11
C LYS A 103 -7.12 -7.59 13.09
N LYS A 104 -6.88 -7.33 14.37
CA LYS A 104 -7.93 -7.47 15.38
C LYS A 104 -9.07 -6.49 15.10
N THR A 105 -8.72 -5.26 14.73
CA THR A 105 -9.70 -4.20 14.49
C THR A 105 -10.62 -4.57 13.33
N LEU A 106 -10.03 -5.10 12.27
CA LEU A 106 -10.81 -5.39 11.06
C LEU A 106 -11.44 -6.78 11.04
N GLY A 107 -10.88 -7.75 11.78
CA GLY A 107 -11.49 -9.12 11.81
C GLY A 107 -11.13 -9.94 10.56
N LEU A 108 -10.04 -9.58 9.90
CA LEU A 108 -9.65 -10.21 8.63
C LEU A 108 -8.63 -11.34 8.77
N ASN A 109 -8.66 -12.27 7.81
CA ASN A 109 -7.59 -13.28 7.76
C ASN A 109 -6.31 -12.66 7.21
N ASP A 110 -5.16 -13.25 7.52
CA ASP A 110 -3.85 -12.77 6.96
C ASP A 110 -3.95 -12.66 5.43
N ASP A 111 -4.60 -13.64 4.81
CA ASP A 111 -4.61 -13.65 3.36
C ASP A 111 -5.60 -12.63 2.73
N GLU A 112 -6.27 -11.85 3.56
CA GLU A 112 -7.17 -10.82 3.05
C GLU A 112 -6.51 -9.44 3.10
N PHE A 113 -5.28 -9.41 3.59
CA PHE A 113 -4.47 -8.18 3.54
C PHE A 113 -3.48 -8.20 2.36
N ALA A 114 -3.29 -7.03 1.72
CA ALA A 114 -2.10 -6.75 0.92
C ALA A 114 -1.24 -5.77 1.70
N TYR A 115 0.09 -5.78 1.43
CA TYR A 115 1.03 -4.88 2.07
C TYR A 115 2.10 -4.52 1.05
N ILE A 116 2.36 -3.23 0.91
CA ILE A 116 3.36 -2.71 -0.02
C ILE A 116 4.45 -1.94 0.77
N GLY A 117 5.69 -2.38 0.56
CA GLY A 117 6.81 -1.99 1.41
C GLY A 117 8.05 -1.71 0.56
N ASP A 118 9.09 -1.17 1.19
CA ASP A 118 10.40 -0.98 0.48
C ASP A 118 11.67 -1.38 1.29
N ASP A 119 11.56 -1.60 2.62
CA ASP A 119 12.78 -1.77 3.44
C ASP A 119 12.60 -2.92 4.47
N LEU A 120 13.67 -3.28 5.16
CA LEU A 120 13.69 -4.52 5.95
C LEU A 120 12.59 -4.60 7.01
N PRO A 121 12.21 -3.48 7.65
CA PRO A 121 11.12 -3.64 8.65
C PRO A 121 9.75 -4.01 8.07
N ASP A 122 9.59 -3.86 6.76
CA ASP A 122 8.37 -4.31 6.05
C ASP A 122 8.38 -5.81 5.77
N LEU A 123 9.57 -6.41 5.78
CA LEU A 123 9.71 -7.83 5.35
C LEU A 123 8.77 -8.85 6.05
N PRO A 124 8.69 -8.83 7.39
CA PRO A 124 7.80 -9.83 8.02
C PRO A 124 6.33 -9.64 7.66
N LEU A 125 5.89 -8.39 7.45
CA LEU A 125 4.53 -8.14 7.00
C LEU A 125 4.32 -8.58 5.55
N ILE A 126 5.28 -8.26 4.69
CA ILE A 126 5.22 -8.67 3.30
C ILE A 126 5.11 -10.22 3.17
N GLN A 127 5.85 -10.96 4.00
CA GLN A 127 5.81 -12.43 3.97
C GLN A 127 4.55 -13.01 4.61
N GLN A 128 3.97 -12.30 5.57
CA GLN A 128 2.79 -12.84 6.31
C GLN A 128 1.45 -12.67 5.59
N VAL A 129 1.25 -11.55 4.91
CA VAL A 129 -0.07 -11.21 4.31
C VAL A 129 -0.32 -11.96 3.03
N GLY A 130 -1.54 -11.88 2.50
CA GLY A 130 -1.89 -12.64 1.29
C GLY A 130 -1.13 -12.15 0.08
N LEU A 131 -0.95 -10.83 -0.01
CA LEU A 131 -0.30 -10.24 -1.18
C LEU A 131 0.75 -9.21 -0.71
N GLY A 132 1.99 -9.66 -0.61
CA GLY A 132 3.11 -8.84 -0.09
C GLY A 132 3.78 -8.26 -1.31
N VAL A 133 3.89 -6.93 -1.34
CA VAL A 133 4.36 -6.22 -2.54
C VAL A 133 5.58 -5.34 -2.30
N ALA A 134 6.52 -5.41 -3.23
CA ALA A 134 7.69 -4.52 -3.21
C ALA A 134 7.53 -3.43 -4.26
N VAL A 135 7.75 -2.16 -3.86
CA VAL A 135 7.99 -1.09 -4.89
C VAL A 135 9.27 -1.42 -5.66
N SER A 136 9.41 -0.92 -6.90
CA SER A 136 10.55 -1.37 -7.71
C SER A 136 11.88 -0.89 -7.12
N ASN A 137 11.87 0.19 -6.33
CA ASN A 137 13.10 0.75 -5.75
C ASN A 137 13.37 0.16 -4.33
N ALA A 138 12.69 -0.92 -3.99
CA ALA A 138 12.88 -1.54 -2.68
C ALA A 138 14.27 -2.10 -2.52
N VAL A 139 14.70 -2.32 -1.26
CA VAL A 139 16.02 -2.87 -1.00
C VAL A 139 16.05 -4.33 -1.49
N PRO A 140 17.25 -4.85 -1.76
CA PRO A 140 17.31 -6.18 -2.39
C PRO A 140 16.52 -7.36 -1.74
N GLN A 141 16.57 -7.50 -0.41
CA GLN A 141 15.80 -8.56 0.24
C GLN A 141 14.29 -8.42 0.09
N VAL A 142 13.79 -7.18 0.16
CA VAL A 142 12.39 -6.96 -0.03
C VAL A 142 11.97 -7.32 -1.47
N LEU A 143 12.77 -6.95 -2.48
CA LEU A 143 12.44 -7.36 -3.87
C LEU A 143 12.47 -8.89 -3.94
N GLU A 144 13.44 -9.50 -3.28
CA GLU A 144 13.58 -10.97 -3.32
C GLU A 144 12.38 -11.77 -2.78
N PHE A 145 11.81 -11.32 -1.65
CA PHE A 145 10.90 -12.14 -0.88
C PHE A 145 9.41 -11.74 -1.07
N ALA A 146 9.15 -10.63 -1.77
CA ALA A 146 7.78 -10.21 -2.02
C ALA A 146 7.07 -11.15 -2.99
N ASP A 147 5.74 -11.21 -2.92
CA ASP A 147 4.98 -11.96 -3.92
C ASP A 147 5.02 -11.35 -5.30
N TRP A 148 5.22 -10.04 -5.35
CA TRP A 148 5.12 -9.24 -6.59
C TRP A 148 5.84 -7.94 -6.41
N ARG A 149 6.32 -7.37 -7.49
CA ARG A 149 6.92 -6.05 -7.43
C ARG A 149 6.28 -5.17 -8.47
N THR A 150 6.16 -3.89 -8.15
CA THR A 150 5.56 -2.94 -9.12
C THR A 150 6.64 -2.56 -10.16
N GLU A 151 6.18 -2.03 -11.30
CA GLU A 151 7.09 -1.51 -12.32
C GLU A 151 7.56 -0.16 -11.84
N ARG A 152 6.62 0.64 -11.34
CA ARG A 152 6.95 1.98 -10.92
C ARG A 152 7.63 2.04 -9.56
N THR A 153 8.32 3.16 -9.28
CA THR A 153 9.02 3.39 -8.02
C THR A 153 8.07 4.08 -7.02
N GLY A 154 8.41 4.00 -5.74
CA GLY A 154 7.65 4.64 -4.62
C GLY A 154 7.49 6.13 -4.93
N GLY A 155 6.30 6.66 -4.61
CA GLY A 155 5.94 8.05 -4.93
C GLY A 155 5.80 8.42 -6.37
N ARG A 156 5.76 7.44 -7.27
N ARG A 156 5.78 7.42 -7.24
CA ARG A 156 5.65 7.78 -8.67
CA ARG A 156 5.71 7.66 -8.66
C ARG A 156 4.47 7.05 -9.32
C ARG A 156 4.66 6.72 -9.26
N GLY A 157 3.60 6.46 -8.49
CA GLY A 157 2.47 5.66 -9.02
C GLY A 157 2.51 4.14 -8.79
N ALA A 158 3.50 3.68 -8.00
CA ALA A 158 3.62 2.22 -7.67
C ALA A 158 2.39 1.76 -6.85
N VAL A 159 1.96 2.56 -5.87
CA VAL A 159 0.81 2.18 -5.08
C VAL A 159 -0.45 2.18 -5.97
N ARG A 160 -0.56 3.13 -6.92
CA ARG A 160 -1.71 3.12 -7.84
C ARG A 160 -1.71 1.81 -8.65
N GLU A 161 -0.52 1.36 -9.05
CA GLU A 161 -0.41 0.15 -9.91
C GLU A 161 -0.96 -1.06 -9.13
N LEU A 162 -0.63 -1.12 -7.84
CA LEU A 162 -1.22 -2.17 -6.96
C LEU A 162 -2.75 -2.00 -6.77
N CYS A 163 -3.20 -0.76 -6.52
CA CYS A 163 -4.63 -0.49 -6.42
C CYS A 163 -5.38 -1.01 -7.66
N ASP A 164 -4.88 -0.73 -8.85
CA ASP A 164 -5.51 -1.11 -10.13
C ASP A 164 -5.47 -2.63 -10.29
N LEU A 165 -4.35 -3.28 -9.95
CA LEU A 165 -4.30 -4.77 -9.96
C LEU A 165 -5.43 -5.39 -9.12
N ILE A 166 -5.61 -4.87 -7.92
CA ILE A 166 -6.61 -5.42 -6.98
C ILE A 166 -8.04 -5.17 -7.56
N LEU A 167 -8.29 -3.93 -8.00
CA LEU A 167 -9.61 -3.62 -8.52
C LEU A 167 -9.92 -4.45 -9.76
N ASN A 168 -8.94 -4.57 -10.63
CA ASN A 168 -9.14 -5.38 -11.85
C ASN A 168 -9.38 -6.85 -11.57
N ALA A 169 -8.62 -7.42 -10.64
CA ALA A 169 -8.81 -8.82 -10.22
C ALA A 169 -10.20 -9.13 -9.68
N GLN A 170 -10.79 -8.15 -9.00
CA GLN A 170 -12.05 -8.29 -8.36
C GLN A 170 -13.22 -7.76 -9.19
N ASN A 171 -12.91 -7.29 -10.41
CA ASN A 171 -13.92 -6.73 -11.33
CA ASN A 171 -13.87 -6.68 -11.35
C ASN A 171 -14.65 -5.55 -10.70
N LYS A 172 -13.89 -4.72 -9.94
CA LYS A 172 -14.42 -3.56 -9.23
C LYS A 172 -13.93 -2.20 -9.76
N ALA A 173 -13.17 -2.22 -10.83
CA ALA A 173 -12.61 -0.96 -11.39
C ALA A 173 -13.73 0.05 -11.80
N GLU A 174 -14.71 -0.41 -12.56
CA GLU A 174 -15.87 0.43 -12.94
C GLU A 174 -16.68 0.92 -11.72
N LEU A 175 -17.04 0.00 -10.81
CA LEU A 175 -17.65 0.36 -9.50
C LEU A 175 -16.91 1.49 -8.78
N ALA A 176 -15.59 1.33 -8.66
CA ALA A 176 -14.71 2.29 -7.99
C ALA A 176 -14.75 3.68 -8.62
N ILE A 177 -14.55 3.77 -9.92
CA ILE A 177 -14.52 5.13 -10.54
C ILE A 177 -15.88 5.76 -10.53
N THR A 178 -16.91 4.92 -10.71
CA THR A 178 -18.28 5.41 -10.69
C THR A 178 -18.57 5.99 -9.31
N GLY A 179 -18.33 5.20 -8.29
CA GLY A 179 -18.49 5.59 -6.88
C GLY A 179 -17.67 6.81 -6.46
N TYR A 180 -16.38 6.83 -6.81
CA TYR A 180 -15.58 8.06 -6.64
C TYR A 180 -16.20 9.30 -7.27
N LEU A 181 -16.61 9.21 -8.54
CA LEU A 181 -17.02 10.39 -9.32
C LEU A 181 -18.34 10.98 -8.84
N LYS A 182 -19.00 10.24 -7.97
CA LYS A 182 -20.29 10.62 -7.41
C LYS A 182 -20.19 11.11 -5.97
N GLN A 183 -19.02 11.64 -5.58
CA GLN A 183 -18.84 12.21 -4.25
C GLN A 183 -17.88 13.39 -4.27
CA CA B . 9.85 2.79 4.02
CA CA C . 3.86 -14.26 0.42
CA CA C . 3.60 -15.43 2.06
#